data_7DAM
#
_entry.id   7DAM
#
_cell.length_a   117.512
_cell.length_b   117.512
_cell.length_c   121.339
_cell.angle_alpha   90.000
_cell.angle_beta   90.000
_cell.angle_gamma   120.000
#
_symmetry.space_group_name_H-M   'H 3'
#
loop_
_entity.id
_entity.type
_entity.pdbx_description
1 polymer 'ATP phosphoribosyltransferase'
2 water water
#
_entity_poly.entity_id   1
_entity_poly.type   'polypeptide(L)'
_entity_poly.pdbx_seq_one_letter_code
;HHHHHHMQRKNDMQTQRLRIAIQKKGRLSQECQELLKKCGVKFNIMGERLVVHSLNMPIDLLLVRDDDIPGLIMDGVVDL
GFVGENVLEETRLDRLALNQRNEFTTLRRMDFGGCRLSIAIEKDAEYRGPQDLNGKRIATTYPQLLKAYMDRQGVDFSTC
MLTGSVEVAPRAGLADAIADLVSTGATLEANGLKEVEVIFESKATLIQRPGAFAADKAALIDKLLTRMHGVQQAKESKYI
MLHAPVEKLAQIKTLLPGAEDPTVLPLSADKSKVAVHMVSSENLFWETMEQLKALGASSILVLPIEKMME
;
_entity_poly.pdbx_strand_id   A,B
#
# COMPACT_ATOMS: atom_id res chain seq x y z
N THR A 15 20.27 -8.60 26.39
CA THR A 15 18.78 -8.70 26.48
C THR A 15 18.16 -8.34 25.12
N GLN A 16 16.82 -8.33 25.03
CA GLN A 16 16.07 -7.81 23.86
C GLN A 16 15.44 -6.46 24.22
N ARG A 17 15.53 -5.52 23.27
CA ARG A 17 14.98 -4.14 23.37
C ARG A 17 13.47 -4.21 23.08
N LEU A 18 12.67 -3.23 23.53
CA LEU A 18 11.20 -3.21 23.27
C LEU A 18 10.96 -2.56 21.90
N ARG A 19 10.42 -3.33 20.95
CA ARG A 19 10.13 -2.91 19.56
C ARG A 19 8.69 -2.38 19.49
N ILE A 20 8.50 -1.22 18.86
CA ILE A 20 7.17 -0.55 18.69
C ILE A 20 6.97 -0.22 17.21
N ALA A 21 5.98 -0.84 16.56
CA ALA A 21 5.60 -0.58 15.16
C ALA A 21 4.70 0.65 15.11
N ILE A 22 5.00 1.60 14.22
CA ILE A 22 4.22 2.86 14.02
C ILE A 22 4.16 3.13 12.51
N GLN A 23 3.14 3.85 12.06
CA GLN A 23 3.00 4.31 10.66
C GLN A 23 4.25 5.09 10.26
N LYS A 24 4.75 4.89 9.03
CA LYS A 24 5.87 5.67 8.44
C LYS A 24 5.38 7.10 8.19
N LYS A 25 4.22 7.23 7.55
CA LYS A 25 3.61 8.52 7.14
C LYS A 25 2.14 8.56 7.60
N GLY A 26 1.59 9.76 7.75
CA GLY A 26 0.19 10.00 8.17
C GLY A 26 0.12 10.63 9.56
N ARG A 27 -1.07 11.08 9.95
CA ARG A 27 -1.33 11.83 11.21
C ARG A 27 -1.02 10.93 12.42
N LEU A 28 -1.38 9.63 12.34
CA LEU A 28 -1.16 8.62 13.41
C LEU A 28 0.32 8.60 13.79
N SER A 29 1.21 8.51 12.80
CA SER A 29 2.70 8.51 13.02
C SER A 29 3.07 9.69 13.92
N GLN A 30 2.55 10.89 13.63
CA GLN A 30 2.82 12.13 14.40
C GLN A 30 2.19 11.99 15.78
N GLU A 31 0.91 11.59 15.82
CA GLU A 31 0.12 11.40 17.08
C GLU A 31 0.86 10.42 17.98
N CYS A 32 1.35 9.31 17.42
CA CYS A 32 2.05 8.22 18.14
C CYS A 32 3.46 8.66 18.53
N GLN A 33 4.15 9.40 17.66
CA GLN A 33 5.47 10.03 17.95
C GLN A 33 5.33 11.01 19.11
N GLU A 34 4.37 11.94 19.02
CA GLU A 34 4.17 13.04 20.01
C GLU A 34 3.81 12.42 21.37
N LEU A 35 2.77 11.58 21.42
CA LEU A 35 2.34 10.87 22.66
C LEU A 35 3.56 10.21 23.30
N LEU A 36 4.34 9.47 22.50
CA LEU A 36 5.56 8.76 22.98
C LEU A 36 6.52 9.77 23.59
N LYS A 37 6.71 10.92 22.94
CA LYS A 37 7.55 12.03 23.47
C LYS A 37 7.04 12.39 24.87
N LYS A 38 5.72 12.60 24.99
CA LYS A 38 5.06 13.01 26.26
C LYS A 38 5.20 11.89 27.30
N CYS A 39 5.32 10.62 26.89
CA CYS A 39 5.56 9.46 27.80
C CYS A 39 6.99 9.45 28.32
N GLY A 40 7.84 10.40 27.87
CA GLY A 40 9.19 10.65 28.41
C GLY A 40 10.26 9.89 27.64
N VAL A 41 9.90 9.28 26.51
CA VAL A 41 10.79 8.44 25.66
C VAL A 41 11.57 9.36 24.73
N LYS A 42 12.88 9.48 24.96
CA LYS A 42 13.81 10.33 24.16
C LYS A 42 14.16 9.62 22.86
N PHE A 43 13.83 10.25 21.72
CA PHE A 43 14.13 9.80 20.35
C PHE A 43 14.00 11.02 19.42
N ASN A 44 14.55 10.94 18.21
CA ASN A 44 14.39 11.97 17.15
C ASN A 44 14.38 11.26 15.80
N ILE A 45 13.35 11.53 14.99
CA ILE A 45 13.21 11.00 13.60
C ILE A 45 14.49 11.35 12.84
N MET A 46 14.95 12.61 12.93
CA MET A 46 16.23 13.13 12.38
C MET A 46 16.54 12.50 11.02
N GLY A 47 15.62 12.66 10.05
CA GLY A 47 15.74 12.11 8.68
C GLY A 47 15.27 10.67 8.62
N GLU A 48 14.35 10.37 7.70
CA GLU A 48 13.64 9.06 7.58
C GLU A 48 14.63 7.89 7.68
N ARG A 49 14.27 6.87 8.48
CA ARG A 49 15.00 5.60 8.67
C ARG A 49 14.03 4.58 9.28
N LEU A 50 14.11 3.32 8.87
CA LEU A 50 13.11 2.26 9.21
C LEU A 50 13.14 1.95 10.70
N VAL A 51 14.33 1.80 11.29
CA VAL A 51 14.53 1.44 12.72
C VAL A 51 15.10 2.65 13.47
N VAL A 52 14.46 3.03 14.57
CA VAL A 52 14.90 4.18 15.45
C VAL A 52 15.15 3.64 16.86
N HIS A 53 16.20 4.11 17.53
CA HIS A 53 16.53 3.77 18.94
C HIS A 53 16.29 5.00 19.81
N SER A 54 15.60 4.83 20.96
CA SER A 54 15.53 5.84 22.04
C SER A 54 16.80 5.77 22.89
N LEU A 55 17.47 6.88 23.14
CA LEU A 55 18.64 6.90 24.05
C LEU A 55 18.18 7.07 25.50
N ASN A 56 16.95 7.54 25.71
CA ASN A 56 16.33 7.71 27.06
C ASN A 56 16.00 6.35 27.67
N MET A 57 15.46 5.42 26.86
CA MET A 57 14.98 4.10 27.32
C MET A 57 15.44 3.00 26.36
N PRO A 58 15.40 1.71 26.77
CA PRO A 58 15.81 0.62 25.89
C PRO A 58 14.66 0.29 24.94
N ILE A 59 14.50 1.08 23.87
CA ILE A 59 13.33 1.01 22.93
C ILE A 59 13.83 1.19 21.50
N ASP A 60 13.17 0.53 20.56
CA ASP A 60 13.34 0.78 19.11
C ASP A 60 11.95 0.97 18.50
N LEU A 61 11.72 2.12 17.85
CA LEU A 61 10.55 2.35 16.98
C LEU A 61 10.86 1.73 15.61
N LEU A 62 9.83 1.22 14.95
CA LEU A 62 9.90 0.70 13.56
C LEU A 62 8.84 1.43 12.74
N LEU A 63 9.26 2.05 11.64
CA LEU A 63 8.38 2.87 10.76
C LEU A 63 8.07 2.04 9.52
N VAL A 64 6.79 1.71 9.30
CA VAL A 64 6.32 0.77 8.24
C VAL A 64 4.93 1.20 7.79
N ARG A 65 4.46 0.67 6.66
CA ARG A 65 3.07 0.85 6.16
C ARG A 65 2.11 0.36 7.25
N ASP A 66 0.96 1.03 7.41
CA ASP A 66 -0.07 0.68 8.43
C ASP A 66 -0.52 -0.78 8.25
N ASP A 67 -0.59 -1.24 7.00
CA ASP A 67 -1.03 -2.60 6.59
C ASP A 67 -0.14 -3.68 7.21
N ASP A 68 1.15 -3.39 7.40
CA ASP A 68 2.16 -4.39 7.83
C ASP A 68 2.02 -4.67 9.34
N ILE A 69 1.38 -3.77 10.09
CA ILE A 69 1.51 -3.71 11.57
C ILE A 69 0.82 -4.89 12.26
N PRO A 70 -0.49 -5.18 12.06
CA PRO A 70 -1.11 -6.31 12.75
C PRO A 70 -0.32 -7.62 12.55
N GLY A 71 0.02 -7.93 11.30
CA GLY A 71 0.75 -9.14 10.87
C GLY A 71 2.09 -9.29 11.57
N LEU A 72 2.83 -8.20 11.77
CA LEU A 72 4.18 -8.21 12.40
C LEU A 72 4.04 -8.59 13.89
N ILE A 73 3.03 -8.03 14.55
CA ILE A 73 2.68 -8.33 15.97
C ILE A 73 2.19 -9.78 16.02
N MET A 74 1.28 -10.14 15.12
CA MET A 74 0.74 -11.53 14.98
C MET A 74 1.90 -12.51 14.76
N ASP A 75 2.90 -12.13 13.96
CA ASP A 75 4.12 -12.94 13.68
C ASP A 75 5.08 -12.87 14.87
N GLY A 76 4.92 -11.86 15.74
CA GLY A 76 5.79 -11.64 16.92
C GLY A 76 7.11 -10.98 16.53
N VAL A 77 7.25 -10.55 15.28
CA VAL A 77 8.44 -9.79 14.78
C VAL A 77 8.70 -8.62 15.73
N VAL A 78 7.62 -8.00 16.22
CA VAL A 78 7.64 -6.80 17.10
C VAL A 78 6.71 -7.05 18.30
N ASP A 79 7.01 -6.42 19.43
CA ASP A 79 6.32 -6.61 20.73
C ASP A 79 5.03 -5.78 20.77
N LEU A 80 5.04 -4.60 20.16
CA LEU A 80 4.09 -3.49 20.46
C LEU A 80 3.77 -2.72 19.17
N GLY A 81 2.50 -2.37 18.94
CA GLY A 81 2.03 -1.78 17.67
C GLY A 81 0.79 -0.92 17.84
N PHE A 82 0.83 0.33 17.37
CA PHE A 82 -0.34 1.25 17.24
C PHE A 82 -0.91 1.16 15.81
N VAL A 83 -2.17 0.74 15.68
CA VAL A 83 -2.90 0.65 14.37
C VAL A 83 -4.36 1.06 14.56
N GLY A 84 -5.00 1.45 13.45
CA GLY A 84 -6.46 1.61 13.34
C GLY A 84 -7.15 0.25 13.39
N GLU A 85 -8.23 0.15 14.16
CA GLU A 85 -9.01 -1.10 14.36
C GLU A 85 -9.45 -1.63 12.98
N ASN A 86 -9.78 -0.73 12.05
CA ASN A 86 -10.14 -1.04 10.64
C ASN A 86 -9.06 -1.92 10.02
N VAL A 87 -7.80 -1.47 10.03
CA VAL A 87 -6.63 -2.22 9.48
C VAL A 87 -6.50 -3.54 10.24
N LEU A 88 -6.68 -3.50 11.56
CA LEU A 88 -6.45 -4.64 12.50
C LEU A 88 -7.43 -5.79 12.17
N GLU A 89 -8.73 -5.51 12.04
CA GLU A 89 -9.75 -6.56 11.77
C GLU A 89 -9.57 -7.08 10.33
N GLU A 90 -9.29 -6.19 9.37
CA GLU A 90 -9.15 -6.59 7.94
C GLU A 90 -8.14 -7.74 7.86
N THR A 91 -6.89 -7.52 8.28
CA THR A 91 -5.78 -8.50 8.13
C THR A 91 -6.06 -9.71 9.04
N ARG A 92 -6.69 -9.50 10.20
CA ARG A 92 -7.10 -10.59 11.13
C ARG A 92 -8.00 -11.57 10.38
N LEU A 93 -9.01 -11.07 9.66
CA LEU A 93 -9.98 -11.89 8.91
C LEU A 93 -9.31 -12.55 7.69
N ASP A 94 -8.47 -11.82 6.95
CA ASP A 94 -7.72 -12.31 5.75
C ASP A 94 -6.85 -13.50 6.16
N ARG A 95 -6.14 -13.37 7.28
CA ARG A 95 -5.26 -14.44 7.84
C ARG A 95 -6.13 -15.65 8.18
N LEU A 96 -7.24 -15.43 8.89
CA LEU A 96 -8.21 -16.51 9.24
C LEU A 96 -8.59 -17.25 7.95
N ALA A 97 -9.05 -16.52 6.92
CA ALA A 97 -9.39 -17.08 5.59
C ALA A 97 -8.20 -17.86 5.04
N LEU A 98 -6.99 -17.29 5.12
CA LEU A 98 -5.72 -17.95 4.69
C LEU A 98 -5.30 -19.01 5.71
N ASN A 99 -6.06 -19.21 6.79
CA ASN A 99 -5.71 -20.15 7.90
C ASN A 99 -4.30 -19.80 8.40
N GLN A 100 -4.03 -18.51 8.62
CA GLN A 100 -2.74 -17.98 9.14
C GLN A 100 -2.91 -17.58 10.61
N ARG A 101 -1.81 -17.57 11.39
CA ARG A 101 -1.82 -17.14 12.81
C ARG A 101 -2.44 -15.74 12.89
N ASN A 102 -3.48 -15.58 13.73
CA ASN A 102 -4.36 -14.38 13.78
C ASN A 102 -4.41 -13.79 15.20
N GLU A 103 -3.77 -14.43 16.18
CA GLU A 103 -3.93 -14.09 17.62
C GLU A 103 -3.11 -12.83 17.96
N PHE A 104 -3.59 -12.03 18.91
CA PHE A 104 -2.88 -10.86 19.47
C PHE A 104 -3.53 -10.42 20.80
N THR A 105 -2.85 -9.53 21.52
CA THR A 105 -3.28 -8.96 22.82
C THR A 105 -3.47 -7.45 22.67
N THR A 106 -4.72 -6.97 22.73
CA THR A 106 -5.10 -5.55 22.85
C THR A 106 -4.77 -5.05 24.26
N LEU A 107 -4.32 -3.80 24.39
CA LEU A 107 -3.91 -3.18 25.67
C LEU A 107 -4.76 -1.93 25.92
N ARG A 108 -4.79 -0.99 24.97
CA ARG A 108 -5.55 0.28 25.10
C ARG A 108 -6.03 0.77 23.73
N ARG A 109 -7.20 1.39 23.71
CA ARG A 109 -7.81 2.06 22.53
C ARG A 109 -7.62 3.56 22.71
N MET A 110 -6.91 4.21 21.78
CA MET A 110 -6.48 5.63 21.90
C MET A 110 -7.68 6.53 21.59
N ASP A 111 -7.56 7.82 21.92
CA ASP A 111 -8.61 8.86 21.79
C ASP A 111 -8.52 9.52 20.41
N PHE A 112 -7.83 8.89 19.46
CA PHE A 112 -7.56 9.46 18.12
C PHE A 112 -7.43 8.33 17.10
N GLY A 113 -7.64 8.68 15.83
CA GLY A 113 -7.77 7.75 14.68
C GLY A 113 -9.22 7.62 14.22
N GLY A 114 -10.05 8.63 14.50
CA GLY A 114 -11.50 8.62 14.27
C GLY A 114 -11.82 8.61 12.78
N CYS A 115 -12.45 7.52 12.32
CA CYS A 115 -12.84 7.29 10.90
C CYS A 115 -13.84 6.13 10.82
N ARG A 116 -14.64 6.10 9.77
CA ARG A 116 -15.67 5.05 9.55
C ARG A 116 -15.54 4.53 8.12
N LEU A 117 -15.58 3.21 7.96
CA LEU A 117 -15.82 2.56 6.65
C LEU A 117 -17.33 2.49 6.46
N SER A 118 -17.84 3.19 5.44
CA SER A 118 -19.28 3.39 5.19
C SER A 118 -19.58 3.16 3.70
N ILE A 119 -20.71 2.51 3.41
CA ILE A 119 -21.18 2.29 2.02
C ILE A 119 -21.82 3.58 1.52
N ALA A 120 -21.32 4.06 0.38
CA ALA A 120 -21.80 5.28 -0.32
C ALA A 120 -22.23 4.91 -1.74
N ILE A 121 -23.23 5.62 -2.26
CA ILE A 121 -23.92 5.35 -3.55
C ILE A 121 -23.99 6.66 -4.34
N GLU A 122 -24.16 6.57 -5.67
CA GLU A 122 -24.42 7.75 -6.55
C GLU A 122 -25.52 8.59 -5.90
N LYS A 123 -25.27 9.89 -5.71
CA LYS A 123 -26.21 10.82 -5.03
C LYS A 123 -27.64 10.62 -5.55
N ASP A 124 -27.81 10.59 -6.87
CA ASP A 124 -29.13 10.46 -7.55
C ASP A 124 -29.79 9.14 -7.14
N ALA A 125 -29.03 8.04 -7.20
CA ALA A 125 -29.49 6.68 -6.83
C ALA A 125 -29.83 6.67 -5.33
N GLU A 126 -30.91 5.97 -4.94
CA GLU A 126 -31.55 6.19 -3.61
C GLU A 126 -32.29 4.94 -3.12
N TYR A 127 -32.49 4.86 -1.80
CA TYR A 127 -33.45 4.00 -1.06
C TYR A 127 -32.83 2.62 -0.78
N ARG A 128 -33.59 1.74 -0.08
CA ARG A 128 -33.18 0.39 0.37
C ARG A 128 -32.06 0.53 1.40
N GLY A 129 -30.88 0.99 0.96
CA GLY A 129 -29.78 1.49 1.81
C GLY A 129 -29.20 0.41 2.73
N PRO A 130 -29.20 -0.86 2.29
CA PRO A 130 -28.87 -1.98 3.17
C PRO A 130 -29.56 -3.24 2.59
N GLN A 131 -30.83 -3.09 2.24
CA GLN A 131 -31.65 -4.12 1.53
C GLN A 131 -31.15 -4.23 0.08
N ASP A 132 -31.42 -5.37 -0.55
CA ASP A 132 -31.06 -5.68 -1.96
C ASP A 132 -29.54 -5.57 -2.11
N LEU A 133 -29.07 -4.88 -3.15
CA LEU A 133 -27.63 -4.80 -3.56
C LEU A 133 -27.10 -6.23 -3.75
N ASN A 134 -27.95 -7.13 -4.21
CA ASN A 134 -27.64 -8.59 -4.35
C ASN A 134 -26.91 -8.85 -5.68
N GLY A 135 -26.84 -7.86 -6.57
CA GLY A 135 -26.16 -7.98 -7.88
C GLY A 135 -24.99 -7.02 -8.02
N LYS A 136 -25.13 -5.81 -7.46
CA LYS A 136 -24.25 -4.65 -7.76
C LYS A 136 -22.82 -4.93 -7.26
N ARG A 137 -21.84 -4.30 -7.92
CA ARG A 137 -20.39 -4.41 -7.60
C ARG A 137 -20.06 -3.30 -6.60
N ILE A 138 -19.46 -3.67 -5.46
CA ILE A 138 -18.96 -2.70 -4.44
C ILE A 138 -17.43 -2.68 -4.50
N ALA A 139 -16.85 -1.49 -4.67
CA ALA A 139 -15.39 -1.26 -4.70
C ALA A 139 -14.91 -0.89 -3.30
N THR A 140 -13.82 -1.53 -2.85
CA THR A 140 -13.25 -1.39 -1.49
C THR A 140 -11.77 -1.76 -1.45
N THR A 141 -11.04 -1.16 -0.52
CA THR A 141 -9.67 -1.56 -0.10
C THR A 141 -9.79 -2.55 1.08
N TYR A 142 -10.98 -2.66 1.67
CA TYR A 142 -11.27 -3.48 2.87
C TYR A 142 -12.35 -4.51 2.54
N PRO A 143 -12.06 -5.46 1.62
CA PRO A 143 -13.07 -6.40 1.14
C PRO A 143 -13.53 -7.35 2.25
N GLN A 144 -12.62 -7.71 3.14
CA GLN A 144 -12.90 -8.66 4.25
C GLN A 144 -13.88 -8.01 5.22
N LEU A 145 -13.68 -6.74 5.58
CA LEU A 145 -14.61 -5.97 6.46
C LEU A 145 -15.97 -5.84 5.76
N LEU A 146 -15.99 -5.53 4.47
CA LEU A 146 -17.25 -5.45 3.65
C LEU A 146 -17.94 -6.82 3.72
N LYS A 147 -17.18 -7.92 3.53
CA LYS A 147 -17.70 -9.31 3.52
C LYS A 147 -18.38 -9.62 4.85
N ALA A 148 -17.70 -9.37 5.97
CA ALA A 148 -18.24 -9.53 7.34
C ALA A 148 -19.67 -8.97 7.40
N TYR A 149 -19.82 -7.66 7.14
CA TYR A 149 -21.12 -6.93 7.21
C TYR A 149 -22.13 -7.53 6.22
N MET A 150 -21.71 -7.78 4.99
CA MET A 150 -22.62 -8.27 3.91
C MET A 150 -23.17 -9.63 4.34
N ASP A 151 -22.28 -10.57 4.67
CA ASP A 151 -22.63 -11.95 5.10
C ASP A 151 -23.67 -11.89 6.23
N ARG A 152 -23.43 -11.07 7.24
CA ARG A 152 -24.32 -10.92 8.42
C ARG A 152 -25.68 -10.39 7.94
N GLN A 153 -25.69 -9.52 6.92
CA GLN A 153 -26.92 -8.95 6.30
C GLN A 153 -27.57 -9.95 5.33
N GLY A 154 -26.90 -11.04 4.99
CA GLY A 154 -27.41 -12.10 4.09
C GLY A 154 -27.53 -11.64 2.65
N VAL A 155 -26.93 -10.49 2.31
CA VAL A 155 -26.92 -9.89 0.94
C VAL A 155 -25.72 -10.48 0.19
N ASP A 156 -25.84 -10.67 -1.12
CA ASP A 156 -24.76 -11.25 -1.96
C ASP A 156 -24.10 -10.19 -2.82
N PHE A 157 -22.77 -10.24 -2.81
CA PHE A 157 -21.79 -9.21 -3.19
C PHE A 157 -21.02 -9.65 -4.45
N SER A 158 -20.49 -8.68 -5.19
CA SER A 158 -19.26 -8.82 -6.02
C SER A 158 -18.33 -7.66 -5.65
N THR A 159 -17.11 -7.93 -5.19
CA THR A 159 -16.16 -6.90 -4.70
C THR A 159 -15.19 -6.50 -5.81
N CYS A 160 -14.98 -5.19 -5.97
CA CYS A 160 -13.95 -4.59 -6.86
C CYS A 160 -12.80 -4.09 -5.99
N MET A 161 -11.68 -4.83 -5.95
CA MET A 161 -10.48 -4.48 -5.15
C MET A 161 -9.76 -3.29 -5.79
N LEU A 162 -9.76 -2.14 -5.09
CA LEU A 162 -8.98 -0.92 -5.44
C LEU A 162 -8.25 -0.44 -4.19
N THR A 163 -6.94 -0.17 -4.29
CA THR A 163 -6.06 0.17 -3.15
C THR A 163 -5.93 1.69 -3.01
N GLY A 164 -6.60 2.46 -3.88
CA GLY A 164 -6.66 3.93 -3.82
C GLY A 164 -7.64 4.51 -4.82
N SER A 165 -8.11 5.74 -4.58
CA SER A 165 -9.08 6.48 -5.42
C SER A 165 -10.33 5.64 -5.65
N VAL A 166 -10.88 5.09 -4.57
CA VAL A 166 -12.02 4.13 -4.59
C VAL A 166 -13.30 4.88 -5.01
N GLU A 167 -13.39 6.17 -4.68
CA GLU A 167 -14.60 7.01 -4.93
C GLU A 167 -14.81 7.20 -6.44
N VAL A 168 -13.75 7.10 -7.25
CA VAL A 168 -13.75 7.36 -8.72
C VAL A 168 -14.31 6.13 -9.45
N ALA A 169 -14.53 5.02 -8.73
CA ALA A 169 -14.92 3.71 -9.31
C ALA A 169 -16.27 3.85 -10.04
N PRO A 170 -17.36 4.29 -9.36
CA PRO A 170 -18.65 4.50 -10.03
C PRO A 170 -18.47 5.32 -11.32
N ARG A 171 -17.97 6.56 -11.21
CA ARG A 171 -17.71 7.46 -12.38
C ARG A 171 -17.12 6.60 -13.50
N ALA A 172 -15.97 5.98 -13.22
CA ALA A 172 -15.22 5.09 -14.14
C ALA A 172 -16.14 4.00 -14.71
N GLY A 173 -17.18 3.61 -13.95
CA GLY A 173 -18.03 2.44 -14.28
C GLY A 173 -17.31 1.15 -13.90
N LEU A 174 -16.35 1.27 -12.97
CA LEU A 174 -15.50 0.17 -12.46
C LEU A 174 -16.35 -0.73 -11.54
N ALA A 175 -17.24 -0.12 -10.75
CA ALA A 175 -18.15 -0.78 -9.79
C ALA A 175 -19.41 0.07 -9.59
N ASP A 176 -20.48 -0.54 -9.07
CA ASP A 176 -21.81 0.11 -8.86
C ASP A 176 -21.77 0.98 -7.61
N ALA A 177 -21.00 0.57 -6.59
CA ALA A 177 -20.94 1.24 -5.27
C ALA A 177 -19.56 1.03 -4.65
N ILE A 178 -19.28 1.75 -3.56
CA ILE A 178 -18.01 1.69 -2.79
C ILE A 178 -18.34 1.56 -1.31
N ALA A 179 -17.46 0.93 -0.53
CA ALA A 179 -17.25 1.24 0.90
C ALA A 179 -15.93 1.98 1.01
N ASP A 180 -15.98 3.25 1.41
CA ASP A 180 -14.83 4.19 1.45
C ASP A 180 -14.57 4.58 2.90
N LEU A 181 -13.30 4.66 3.31
CA LEU A 181 -12.89 5.21 4.63
C LEU A 181 -13.16 6.72 4.63
N VAL A 182 -14.00 7.21 5.54
CA VAL A 182 -14.33 8.66 5.64
C VAL A 182 -14.17 9.11 7.10
N SER A 183 -13.64 10.32 7.28
CA SER A 183 -13.61 11.07 8.57
C SER A 183 -14.77 12.09 8.58
N THR A 184 -14.97 12.81 7.48
CA THR A 184 -15.89 13.98 7.36
C THR A 184 -17.05 13.69 6.40
N GLY A 185 -16.77 13.13 5.21
CA GLY A 185 -17.76 12.83 4.16
C GLY A 185 -17.65 13.80 2.98
N ALA A 186 -17.04 14.96 3.21
CA ALA A 186 -16.63 15.94 2.18
C ALA A 186 -16.10 15.21 0.94
N THR A 187 -15.20 14.23 1.15
CA THR A 187 -14.55 13.40 0.11
C THR A 187 -15.61 12.70 -0.75
N LEU A 188 -16.58 12.03 -0.12
CA LEU A 188 -17.76 11.43 -0.81
C LEU A 188 -18.56 12.56 -1.50
N GLU A 189 -18.90 13.60 -0.74
CA GLU A 189 -19.55 14.85 -1.23
C GLU A 189 -18.75 15.39 -2.42
N ALA A 190 -17.42 15.38 -2.33
CA ALA A 190 -16.47 15.81 -3.37
C ALA A 190 -16.61 14.92 -4.61
N ASN A 191 -16.94 13.64 -4.42
CA ASN A 191 -17.01 12.61 -5.49
C ASN A 191 -18.45 12.43 -5.99
N GLY A 192 -19.40 13.25 -5.50
CA GLY A 192 -20.81 13.21 -5.91
C GLY A 192 -21.45 11.88 -5.56
N LEU A 193 -21.33 11.47 -4.28
CA LEU A 193 -21.94 10.25 -3.72
C LEU A 193 -22.60 10.58 -2.38
N LYS A 194 -23.56 9.76 -1.96
CA LYS A 194 -24.24 9.83 -0.63
C LYS A 194 -23.77 8.66 0.22
N GLU A 195 -23.63 8.88 1.53
CA GLU A 195 -23.32 7.84 2.54
C GLU A 195 -24.63 7.13 2.91
N VAL A 196 -24.63 5.79 2.90
CA VAL A 196 -25.86 4.95 3.01
C VAL A 196 -25.82 4.09 4.28
N GLU A 197 -24.64 3.62 4.70
CA GLU A 197 -24.47 2.81 5.94
C GLU A 197 -23.07 3.04 6.51
N VAL A 198 -22.93 2.95 7.84
CA VAL A 198 -21.63 2.91 8.57
C VAL A 198 -21.41 1.46 9.02
N ILE A 199 -20.56 0.72 8.31
CA ILE A 199 -20.39 -0.75 8.46
C ILE A 199 -19.25 -1.07 9.44
N PHE A 200 -18.45 -0.06 9.82
CA PHE A 200 -17.34 -0.22 10.81
C PHE A 200 -16.93 1.15 11.34
N GLU A 201 -16.66 1.22 12.65
CA GLU A 201 -16.25 2.41 13.42
C GLU A 201 -14.80 2.17 13.88
N SER A 202 -13.85 3.00 13.43
CA SER A 202 -12.40 2.78 13.72
C SER A 202 -11.81 3.94 14.52
N LYS A 203 -11.05 3.58 15.56
CA LYS A 203 -10.07 4.44 16.26
C LYS A 203 -8.76 3.66 16.33
N ALA A 204 -7.63 4.35 16.54
CA ALA A 204 -6.31 3.73 16.77
C ALA A 204 -6.32 3.01 18.11
N THR A 205 -5.80 1.77 18.12
CA THR A 205 -5.63 0.94 19.34
C THR A 205 -4.17 0.48 19.44
N LEU A 206 -3.68 0.31 20.66
CA LEU A 206 -2.32 -0.21 20.96
C LEU A 206 -2.41 -1.68 21.33
N ILE A 207 -1.88 -2.57 20.48
CA ILE A 207 -1.92 -4.06 20.69
C ILE A 207 -0.52 -4.56 21.06
N GLN A 208 -0.43 -5.84 21.41
CA GLN A 208 0.78 -6.51 21.95
C GLN A 208 0.91 -7.88 21.30
N ARG A 209 2.17 -8.31 21.09
CA ARG A 209 2.62 -9.70 20.75
C ARG A 209 1.75 -10.77 21.40
N PRO A 210 1.48 -11.87 20.67
CA PRO A 210 0.80 -13.01 21.28
C PRO A 210 1.62 -13.81 22.32
N GLY A 211 2.96 -13.69 22.33
CA GLY A 211 3.88 -14.67 22.95
C GLY A 211 4.22 -14.37 24.40
N ALA A 212 5.32 -14.94 24.89
CA ALA A 212 5.79 -14.83 26.28
C ALA A 212 6.45 -13.46 26.49
N PHE A 213 5.95 -12.69 27.45
CA PHE A 213 6.21 -11.24 27.62
C PHE A 213 7.49 -10.99 28.43
N ALA A 214 8.40 -11.97 28.54
CA ALA A 214 9.62 -11.90 29.36
C ALA A 214 9.23 -11.44 30.77
N ALA A 215 9.79 -10.34 31.29
CA ALA A 215 9.45 -9.78 32.63
C ALA A 215 9.74 -8.28 32.69
N ASP A 216 10.99 -7.87 32.48
CA ASP A 216 11.42 -6.44 32.56
C ASP A 216 10.91 -5.69 31.32
N LYS A 217 10.72 -6.41 30.20
CA LYS A 217 10.02 -5.87 29.01
C LYS A 217 8.64 -5.45 29.50
N ALA A 218 7.91 -6.42 30.07
CA ALA A 218 6.53 -6.27 30.56
C ALA A 218 6.48 -5.19 31.65
N ALA A 219 7.52 -5.13 32.49
CA ALA A 219 7.70 -4.03 33.47
C ALA A 219 7.70 -2.70 32.71
N LEU A 220 8.53 -2.59 31.66
CA LEU A 220 8.61 -1.38 30.80
C LEU A 220 7.24 -1.07 30.19
N ILE A 221 6.49 -2.11 29.78
CA ILE A 221 5.16 -1.95 29.12
C ILE A 221 4.17 -1.33 30.11
N ASP A 222 4.13 -1.81 31.35
CA ASP A 222 3.27 -1.23 32.43
C ASP A 222 3.66 0.23 32.64
N LYS A 223 4.96 0.53 32.68
CA LYS A 223 5.52 1.91 32.83
C LYS A 223 4.96 2.80 31.71
N LEU A 224 5.04 2.34 30.46
CA LEU A 224 4.51 3.05 29.26
C LEU A 224 3.01 3.35 29.44
N LEU A 225 2.19 2.31 29.69
CA LEU A 225 0.71 2.41 29.75
C LEU A 225 0.29 3.45 30.80
N THR A 226 0.93 3.46 31.98
CA THR A 226 0.52 4.35 33.10
C THR A 226 0.89 5.80 32.75
N ARG A 227 2.04 6.05 32.11
CA ARG A 227 2.45 7.41 31.67
C ARG A 227 1.52 7.89 30.54
N MET A 228 1.15 7.00 29.62
CA MET A 228 0.20 7.32 28.52
C MET A 228 -1.10 7.85 29.11
N HIS A 229 -1.65 7.17 30.12
CA HIS A 229 -2.92 7.53 30.79
C HIS A 229 -2.74 8.89 31.48
N GLY A 230 -1.69 9.03 32.30
CA GLY A 230 -1.27 10.30 32.92
C GLY A 230 -1.25 11.43 31.92
N VAL A 231 -0.62 11.22 30.74
CA VAL A 231 -0.57 12.21 29.62
C VAL A 231 -1.99 12.50 29.14
N GLN A 232 -2.83 11.46 29.01
CA GLN A 232 -4.26 11.58 28.62
C GLN A 232 -4.98 12.50 29.62
N GLN A 233 -4.76 12.25 30.92
CA GLN A 233 -5.37 13.04 32.03
C GLN A 233 -5.00 14.52 31.89
N ALA A 234 -3.70 14.84 31.76
CA ALA A 234 -3.18 16.22 31.68
C ALA A 234 -3.78 16.94 30.48
N LYS A 235 -3.89 16.27 29.33
CA LYS A 235 -4.55 16.81 28.11
C LYS A 235 -6.01 17.16 28.45
N GLU A 236 -6.74 16.21 29.03
CA GLU A 236 -8.18 16.33 29.39
C GLU A 236 -8.38 17.39 30.48
N SER A 237 -7.58 17.34 31.55
CA SER A 237 -7.78 18.14 32.80
C SER A 237 -7.10 19.51 32.66
N LYS A 238 -7.69 20.53 33.29
CA LYS A 238 -7.17 21.93 33.34
C LYS A 238 -7.32 22.46 34.77
N TYR A 239 -6.42 23.33 35.23
CA TYR A 239 -6.56 24.10 36.49
C TYR A 239 -7.49 25.29 36.24
N ILE A 240 -8.55 25.44 37.05
CA ILE A 240 -9.56 26.53 36.93
C ILE A 240 -9.44 27.48 38.12
N MET A 241 -9.72 28.77 37.89
CA MET A 241 -10.01 29.81 38.92
C MET A 241 -11.14 30.68 38.37
N LEU A 242 -12.07 31.15 39.22
CA LEU A 242 -13.19 32.05 38.82
C LEU A 242 -13.73 32.82 40.02
N HIS A 243 -13.92 34.13 39.85
CA HIS A 243 -14.57 35.08 40.79
C HIS A 243 -16.07 34.78 40.83
N ALA A 244 -16.46 33.67 41.49
CA ALA A 244 -17.85 33.20 41.59
C ALA A 244 -18.64 34.10 42.55
N LYS A 248 -21.61 30.57 46.49
CA LYS A 248 -21.59 29.28 47.22
C LYS A 248 -22.67 28.34 46.66
N LEU A 249 -22.57 28.00 45.36
CA LEU A 249 -23.58 27.22 44.60
C LEU A 249 -22.93 25.98 43.98
N ALA A 250 -23.12 24.82 44.62
CA ALA A 250 -22.51 23.52 44.26
C ALA A 250 -22.99 23.06 42.87
N GLN A 251 -24.16 23.51 42.41
CA GLN A 251 -24.68 23.17 41.06
C GLN A 251 -23.64 23.63 40.03
N ILE A 252 -23.05 24.81 40.22
CA ILE A 252 -21.92 25.34 39.39
C ILE A 252 -20.69 24.44 39.62
N LYS A 253 -20.45 24.01 40.86
CA LYS A 253 -19.40 23.01 41.22
C LYS A 253 -19.67 21.69 40.48
N THR A 254 -20.94 21.29 40.36
CA THR A 254 -21.35 20.07 39.60
C THR A 254 -21.04 20.28 38.12
N LEU A 255 -21.14 21.53 37.64
CA LEU A 255 -20.67 21.96 36.29
C LEU A 255 -19.16 21.71 36.16
N LEU A 256 -18.45 21.47 37.27
CA LEU A 256 -16.99 21.20 37.30
C LEU A 256 -16.67 20.00 38.18
N PRO A 257 -17.05 18.76 37.77
CA PRO A 257 -16.70 17.55 38.52
C PRO A 257 -15.29 17.03 38.18
N GLU A 260 -12.74 14.75 44.37
CA GLU A 260 -13.41 15.79 45.21
C GLU A 260 -12.67 17.12 45.05
N ASP A 261 -13.07 17.94 44.07
CA ASP A 261 -12.45 19.25 43.75
C ASP A 261 -12.51 20.11 45.01
N PRO A 262 -11.35 20.57 45.55
CA PRO A 262 -11.31 21.34 46.79
C PRO A 262 -11.13 22.85 46.62
N THR A 263 -10.27 23.45 47.46
CA THR A 263 -9.77 24.86 47.44
C THR A 263 -10.73 25.74 48.24
N VAL A 264 -10.27 26.94 48.64
CA VAL A 264 -11.00 27.87 49.57
C VAL A 264 -10.84 29.31 49.08
N LEU A 265 -11.55 30.25 49.72
CA LEU A 265 -11.65 31.67 49.28
C LEU A 265 -12.00 32.56 50.48
N LYS A 273 -18.82 36.61 44.78
CA LYS A 273 -18.52 36.61 46.23
C LYS A 273 -17.25 35.80 46.50
N VAL A 274 -17.34 34.46 46.45
CA VAL A 274 -16.25 33.50 46.81
C VAL A 274 -15.82 32.74 45.55
N ALA A 275 -14.51 32.67 45.32
CA ALA A 275 -13.88 32.16 44.07
C ALA A 275 -12.71 31.24 44.44
N VAL A 276 -12.72 29.97 43.97
CA VAL A 276 -11.75 28.92 44.40
C VAL A 276 -11.14 28.21 43.18
N HIS A 277 -10.00 27.55 43.39
CA HIS A 277 -9.16 26.93 42.33
CA HIS A 277 -9.12 26.92 42.37
C HIS A 277 -9.35 25.41 42.35
N MET A 278 -10.39 24.96 41.63
CA MET A 278 -10.71 23.51 41.44
C MET A 278 -9.91 22.98 40.25
N VAL A 279 -9.56 21.69 40.29
CA VAL A 279 -9.09 20.92 39.10
C VAL A 279 -10.30 20.19 38.50
N SER A 280 -10.62 20.45 37.24
CA SER A 280 -11.68 19.72 36.49
C SER A 280 -11.04 18.54 35.75
N SER A 281 -11.75 17.42 35.71
CA SER A 281 -11.32 16.14 35.08
C SER A 281 -11.13 16.34 33.58
N GLU A 282 -12.06 17.04 32.92
CA GLU A 282 -12.16 17.17 31.44
C GLU A 282 -12.15 18.64 31.04
N ASN A 283 -11.41 18.96 29.97
CA ASN A 283 -11.22 20.33 29.42
C ASN A 283 -12.59 20.97 29.17
N LEU A 284 -12.89 22.08 29.84
CA LEU A 284 -14.24 22.72 29.80
C LEU A 284 -14.45 23.33 28.41
N PHE A 285 -15.69 23.26 27.94
CA PHE A 285 -16.13 23.74 26.61
C PHE A 285 -16.51 25.21 26.78
N TRP A 286 -16.35 26.03 25.74
CA TRP A 286 -16.83 27.43 25.71
C TRP A 286 -18.31 27.46 26.13
N GLU A 287 -19.12 26.54 25.59
CA GLU A 287 -20.56 26.42 25.96
C GLU A 287 -20.69 26.35 27.48
N THR A 288 -20.02 25.40 28.15
CA THR A 288 -20.06 25.25 29.63
C THR A 288 -19.38 26.47 30.26
N MET A 289 -18.35 27.02 29.61
CA MET A 289 -17.67 28.28 30.06
C MET A 289 -18.74 29.38 30.11
N GLU A 290 -19.47 29.58 29.00
CA GLU A 290 -20.57 30.57 28.87
C GLU A 290 -21.63 30.29 29.94
N GLN A 291 -22.03 29.02 30.08
CA GLN A 291 -23.05 28.55 31.06
C GLN A 291 -22.71 29.09 32.46
N LEU A 292 -21.44 29.01 32.87
CA LEU A 292 -20.95 29.60 34.14
C LEU A 292 -21.24 31.11 34.13
N LYS A 293 -20.91 31.81 33.04
CA LYS A 293 -21.13 33.26 32.86
C LYS A 293 -22.62 33.58 33.05
N ALA A 294 -23.50 32.74 32.49
CA ALA A 294 -24.97 32.85 32.62
C ALA A 294 -25.37 32.75 34.10
N LEU A 295 -24.68 31.90 34.87
CA LEU A 295 -24.91 31.68 36.32
C LEU A 295 -24.30 32.83 37.14
N GLY A 296 -23.58 33.75 36.49
CA GLY A 296 -22.99 34.96 37.09
C GLY A 296 -21.50 34.77 37.41
N ALA A 297 -20.84 33.80 36.79
CA ALA A 297 -19.38 33.55 36.97
C ALA A 297 -18.59 34.70 36.34
N SER A 298 -17.59 35.21 37.08
CA SER A 298 -16.64 36.26 36.64
C SER A 298 -15.21 35.72 36.72
N SER A 299 -14.31 36.20 35.86
CA SER A 299 -12.85 35.93 35.90
C SER A 299 -12.58 34.42 35.72
N ILE A 300 -13.19 33.81 34.70
CA ILE A 300 -12.98 32.38 34.36
C ILE A 300 -11.56 32.23 33.81
N LEU A 301 -10.64 31.69 34.61
CA LEU A 301 -9.23 31.45 34.22
C LEU A 301 -8.98 29.94 34.14
N VAL A 302 -8.65 29.46 32.94
CA VAL A 302 -8.25 28.05 32.63
C VAL A 302 -6.76 28.07 32.33
N LEU A 303 -5.95 27.33 33.10
CA LEU A 303 -4.48 27.21 32.90
C LEU A 303 -4.14 25.78 32.52
N PRO A 304 -3.17 25.57 31.60
CA PRO A 304 -2.85 24.23 31.11
C PRO A 304 -2.00 23.47 32.14
N ILE A 305 -2.33 22.20 32.33
CA ILE A 305 -1.52 21.22 33.13
C ILE A 305 -0.59 20.48 32.15
N GLU A 306 0.73 20.68 32.27
CA GLU A 306 1.73 19.98 31.41
C GLU A 306 1.59 18.48 31.60
N LYS A 307 1.57 18.02 32.85
CA LYS A 307 1.59 16.59 33.22
C LYS A 307 1.14 16.43 34.69
N MET A 308 0.55 15.29 35.02
CA MET A 308 -0.02 15.03 36.37
C MET A 308 -0.15 13.51 36.60
N MET A 309 -0.44 13.11 37.84
CA MET A 309 -0.56 11.70 38.27
C MET A 309 -1.54 11.61 39.45
N GLU A 310 -2.77 11.15 39.19
CA GLU A 310 -3.84 10.95 40.20
C GLU A 310 -3.32 10.04 41.32
N GLN B 16 -19.09 0.73 -23.41
CA GLN B 16 -19.08 0.34 -24.85
C GLN B 16 -17.64 0.21 -25.36
N ARG B 17 -16.73 1.08 -24.90
CA ARG B 17 -15.35 1.23 -25.44
C ARG B 17 -14.43 0.13 -24.88
N LEU B 18 -13.21 0.05 -25.43
CA LEU B 18 -12.16 -0.88 -24.92
C LEU B 18 -11.46 -0.23 -23.72
N ARG B 19 -11.59 -0.87 -22.55
CA ARG B 19 -10.96 -0.42 -21.27
C ARG B 19 -9.59 -1.08 -21.14
N ILE B 20 -8.57 -0.28 -20.80
CA ILE B 20 -7.14 -0.70 -20.68
C ILE B 20 -6.60 -0.23 -19.32
N ALA B 21 -6.25 -1.17 -18.44
CA ALA B 21 -5.66 -0.90 -17.12
C ALA B 21 -4.15 -0.70 -17.28
N ILE B 22 -3.61 0.37 -16.68
CA ILE B 22 -2.15 0.70 -16.69
C ILE B 22 -1.77 1.19 -15.29
N GLN B 23 -0.50 1.03 -14.91
CA GLN B 23 0.05 1.55 -13.63
C GLN B 23 -0.17 3.06 -13.58
N LYS B 24 -0.53 3.60 -12.41
CA LYS B 24 -0.70 5.05 -12.18
C LYS B 24 0.67 5.73 -12.23
N LYS B 25 1.64 5.17 -11.51
CA LYS B 25 3.01 5.73 -11.33
C LYS B 25 4.03 4.63 -11.61
N GLY B 26 5.26 5.03 -11.97
CA GLY B 26 6.39 4.12 -12.27
C GLY B 26 6.77 4.16 -13.73
N ARG B 27 7.88 3.50 -14.09
CA ARG B 27 8.47 3.49 -15.45
C ARG B 27 7.50 2.82 -16.44
N LEU B 28 6.82 1.75 -15.98
CA LEU B 28 5.85 0.96 -16.79
C LEU B 28 4.77 1.89 -17.35
N SER B 29 4.19 2.74 -16.50
CA SER B 29 3.17 3.76 -16.88
C SER B 29 3.67 4.52 -18.11
N GLN B 30 4.92 5.02 -18.06
CA GLN B 30 5.54 5.80 -19.15
C GLN B 30 5.75 4.88 -20.35
N GLU B 31 6.35 3.71 -20.12
CA GLU B 31 6.65 2.69 -21.17
C GLU B 31 5.35 2.32 -21.90
N CYS B 32 4.27 2.09 -21.14
CA CYS B 32 2.94 1.66 -21.65
C CYS B 32 2.23 2.84 -22.33
N GLN B 33 2.36 4.04 -21.77
CA GLN B 33 1.86 5.31 -22.37
C GLN B 33 2.54 5.53 -23.72
N GLU B 34 3.88 5.51 -23.74
CA GLU B 34 4.70 5.84 -24.94
C GLU B 34 4.40 4.82 -26.05
N LEU B 35 4.53 3.52 -25.74
CA LEU B 35 4.25 2.42 -26.70
C LEU B 35 2.86 2.65 -27.30
N LEU B 36 1.86 2.89 -26.45
CA LEU B 36 0.45 3.12 -26.87
C LEU B 36 0.41 4.30 -27.85
N LYS B 37 1.13 5.39 -27.55
CA LYS B 37 1.24 6.57 -28.44
C LYS B 37 1.72 6.08 -29.81
N LYS B 38 2.81 5.30 -29.82
CA LYS B 38 3.45 4.72 -31.03
C LYS B 38 2.44 3.86 -31.80
N CYS B 39 1.54 3.17 -31.08
CA CYS B 39 0.49 2.29 -31.68
C CYS B 39 -0.61 3.13 -32.34
N GLY B 40 -0.54 4.46 -32.25
CA GLY B 40 -1.42 5.39 -32.95
C GLY B 40 -2.65 5.78 -32.13
N VAL B 41 -2.64 5.48 -30.83
CA VAL B 41 -3.70 5.91 -29.86
C VAL B 41 -3.37 7.34 -29.40
N LYS B 42 -4.18 8.31 -29.83
CA LYS B 42 -4.04 9.74 -29.44
C LYS B 42 -4.69 9.95 -28.07
N PHE B 43 -3.91 10.40 -27.08
CA PHE B 43 -4.39 10.65 -25.69
C PHE B 43 -3.49 11.68 -24.99
N ASN B 44 -4.08 12.78 -24.52
CA ASN B 44 -3.39 13.82 -23.69
C ASN B 44 -2.96 13.17 -22.38
N ILE B 45 -1.68 13.32 -22.03
CA ILE B 45 -1.03 12.74 -20.81
C ILE B 45 -1.94 12.92 -19.60
N MET B 46 -2.33 11.79 -18.97
CA MET B 46 -3.26 11.75 -17.80
C MET B 46 -2.81 12.79 -16.76
N ARG B 49 -7.95 12.31 -12.75
CA ARG B 49 -6.72 12.01 -13.55
C ARG B 49 -6.52 10.49 -13.66
N LEU B 50 -7.61 9.70 -13.59
CA LEU B 50 -7.59 8.22 -13.41
C LEU B 50 -8.26 7.51 -14.59
N VAL B 51 -9.36 8.04 -15.14
CA VAL B 51 -10.03 7.50 -16.36
C VAL B 51 -9.75 8.44 -17.53
N VAL B 52 -9.19 7.90 -18.62
CA VAL B 52 -8.78 8.70 -19.81
C VAL B 52 -9.51 8.16 -21.04
N HIS B 53 -10.03 9.08 -21.86
CA HIS B 53 -10.77 8.83 -23.13
C HIS B 53 -9.87 9.20 -24.31
N SER B 54 -9.77 8.32 -25.32
CA SER B 54 -8.96 8.55 -26.54
C SER B 54 -9.81 9.32 -27.56
N LEU B 55 -9.28 10.42 -28.09
CA LEU B 55 -9.94 11.22 -29.16
C LEU B 55 -9.64 10.56 -30.51
N ASN B 56 -8.55 9.80 -30.59
CA ASN B 56 -8.10 9.11 -31.84
C ASN B 56 -9.02 7.94 -32.15
N MET B 57 -9.38 7.15 -31.14
CA MET B 57 -10.08 5.83 -31.28
C MET B 57 -10.93 5.58 -30.04
N PRO B 58 -11.89 4.62 -30.09
CA PRO B 58 -12.77 4.37 -28.95
C PRO B 58 -12.04 3.50 -27.92
N ILE B 59 -11.23 4.14 -27.09
CA ILE B 59 -10.43 3.47 -26.02
C ILE B 59 -10.49 4.34 -24.77
N ASP B 60 -10.48 3.69 -23.60
CA ASP B 60 -10.36 4.38 -22.30
C ASP B 60 -9.22 3.71 -21.52
N LEU B 61 -8.21 4.49 -21.14
CA LEU B 61 -7.15 4.05 -20.20
C LEU B 61 -7.70 4.24 -18.79
N LEU B 62 -7.30 3.35 -17.88
CA LEU B 62 -7.57 3.44 -16.42
C LEU B 62 -6.23 3.35 -15.70
N LEU B 63 -5.92 4.35 -14.88
CA LEU B 63 -4.66 4.43 -14.10
C LEU B 63 -4.94 4.04 -12.66
N VAL B 64 -4.30 2.97 -12.20
CA VAL B 64 -4.57 2.31 -10.88
C VAL B 64 -3.27 1.70 -10.37
N ARG B 65 -3.23 1.36 -9.07
CA ARG B 65 -2.10 0.63 -8.44
C ARG B 65 -1.90 -0.68 -9.21
N ASP B 66 -0.64 -1.09 -9.38
CA ASP B 66 -0.23 -2.30 -10.15
C ASP B 66 -0.95 -3.54 -9.60
N ASP B 67 -1.11 -3.61 -8.27
CA ASP B 67 -1.66 -4.77 -7.54
C ASP B 67 -3.12 -5.01 -7.95
N ASP B 68 -3.85 -3.95 -8.32
CA ASP B 68 -5.31 -4.01 -8.56
C ASP B 68 -5.58 -4.62 -9.94
N ILE B 69 -4.58 -4.66 -10.83
CA ILE B 69 -4.77 -4.90 -12.29
C ILE B 69 -5.22 -6.34 -12.57
N PRO B 70 -4.49 -7.40 -12.16
CA PRO B 70 -4.93 -8.76 -12.46
C PRO B 70 -6.38 -9.02 -12.04
N GLY B 71 -6.72 -8.66 -10.79
CA GLY B 71 -8.05 -8.85 -10.18
C GLY B 71 -9.17 -8.18 -10.99
N LEU B 72 -8.92 -7.00 -11.54
CA LEU B 72 -9.92 -6.22 -12.32
C LEU B 72 -10.20 -6.93 -13.65
N ILE B 73 -9.14 -7.43 -14.30
CA ILE B 73 -9.22 -8.25 -15.55
C ILE B 73 -9.91 -9.56 -15.21
N MET B 74 -9.48 -10.21 -14.12
CA MET B 74 -10.08 -11.46 -13.59
C MET B 74 -11.57 -11.26 -13.31
N ASP B 75 -11.94 -10.10 -12.75
CA ASP B 75 -13.35 -9.70 -12.48
C ASP B 75 -14.05 -9.31 -13.79
N GLY B 76 -13.28 -8.98 -14.84
CA GLY B 76 -13.81 -8.54 -16.13
C GLY B 76 -14.24 -7.08 -16.11
N VAL B 77 -13.93 -6.36 -15.02
CA VAL B 77 -14.17 -4.89 -14.90
C VAL B 77 -13.56 -4.20 -16.13
N VAL B 78 -12.41 -4.70 -16.59
CA VAL B 78 -11.62 -4.15 -17.74
C VAL B 78 -11.32 -5.30 -18.71
N ASP B 79 -11.21 -4.98 -20.00
CA ASP B 79 -10.94 -5.94 -21.09
C ASP B 79 -9.44 -6.28 -21.15
N LEU B 80 -8.58 -5.30 -20.85
CA LEU B 80 -7.16 -5.28 -21.26
C LEU B 80 -6.29 -4.67 -20.16
N GLY B 81 -5.11 -5.24 -19.89
CA GLY B 81 -4.23 -4.83 -18.77
C GLY B 81 -2.77 -5.20 -18.97
N PHE B 82 -1.87 -4.24 -18.81
CA PHE B 82 -0.38 -4.40 -18.77
C PHE B 82 0.07 -4.54 -17.31
N VAL B 83 0.65 -5.69 -16.93
CA VAL B 83 1.19 -5.96 -15.57
C VAL B 83 2.46 -6.80 -15.65
N GLY B 84 3.29 -6.75 -14.61
CA GLY B 84 4.41 -7.68 -14.38
C GLY B 84 3.90 -9.05 -14.01
N GLU B 85 4.51 -10.11 -14.56
CA GLU B 85 4.14 -11.53 -14.29
C GLU B 85 4.19 -11.77 -12.77
N ASN B 86 5.15 -11.16 -12.08
CA ASN B 86 5.32 -11.20 -10.59
C ASN B 86 3.99 -10.82 -9.92
N VAL B 87 3.45 -9.64 -10.26
CA VAL B 87 2.15 -9.13 -9.71
C VAL B 87 1.05 -10.12 -10.10
N LEU B 88 1.07 -10.61 -11.34
CA LEU B 88 0.02 -11.45 -11.95
C LEU B 88 -0.11 -12.78 -11.20
N GLU B 89 1.00 -13.49 -10.94
CA GLU B 89 0.95 -14.80 -10.26
C GLU B 89 0.63 -14.59 -8.77
N GLU B 90 1.15 -13.55 -8.13
CA GLU B 90 0.90 -13.29 -6.69
C GLU B 90 -0.62 -13.28 -6.45
N THR B 91 -1.36 -12.38 -7.11
CA THR B 91 -2.82 -12.19 -6.90
C THR B 91 -3.58 -13.44 -7.40
N ARG B 92 -3.08 -14.09 -8.45
CA ARG B 92 -3.65 -15.36 -8.98
C ARG B 92 -3.66 -16.40 -7.87
N LEU B 93 -2.54 -16.56 -7.16
CA LEU B 93 -2.39 -17.56 -6.06
C LEU B 93 -3.25 -17.16 -4.85
N ASP B 94 -3.26 -15.87 -4.47
CA ASP B 94 -4.05 -15.33 -3.33
C ASP B 94 -5.53 -15.62 -3.55
N ARG B 95 -6.01 -15.36 -4.76
CA ARG B 95 -7.43 -15.60 -5.16
C ARG B 95 -7.73 -17.09 -5.06
N LEU B 96 -6.85 -17.93 -5.60
CA LEU B 96 -6.96 -19.42 -5.52
C LEU B 96 -7.15 -19.80 -4.05
N ALA B 97 -6.24 -19.35 -3.18
CA ALA B 97 -6.30 -19.57 -1.70
C ALA B 97 -7.65 -19.08 -1.19
N LEU B 98 -8.09 -17.88 -1.60
CA LEU B 98 -9.40 -17.29 -1.21
C LEU B 98 -10.54 -17.98 -1.98
N ASN B 99 -10.23 -18.95 -2.84
CA ASN B 99 -11.24 -19.61 -3.72
C ASN B 99 -12.00 -18.53 -4.50
N GLN B 100 -11.28 -17.57 -5.07
CA GLN B 100 -11.84 -16.44 -5.88
C GLN B 100 -11.59 -16.70 -7.36
N ARG B 101 -12.42 -16.11 -8.23
CA ARG B 101 -12.28 -16.15 -9.71
C ARG B 101 -10.84 -15.77 -10.07
N ASN B 102 -10.16 -16.64 -10.84
CA ASN B 102 -8.69 -16.57 -11.12
C ASN B 102 -8.40 -16.59 -12.62
N GLU B 103 -9.40 -16.78 -13.49
CA GLU B 103 -9.18 -17.08 -14.94
C GLU B 103 -8.84 -15.79 -15.69
N PHE B 104 -8.00 -15.89 -16.72
CA PHE B 104 -7.64 -14.78 -17.65
C PHE B 104 -6.91 -15.32 -18.89
N THR B 105 -6.74 -14.45 -19.90
CA THR B 105 -6.12 -14.75 -21.22
C THR B 105 -4.89 -13.84 -21.42
N THR B 106 -3.68 -14.41 -21.43
CA THR B 106 -2.43 -13.70 -21.79
C THR B 106 -2.36 -13.57 -23.32
N LEU B 107 -1.82 -12.46 -23.83
CA LEU B 107 -1.77 -12.17 -25.29
C LEU B 107 -0.33 -11.97 -25.76
N ARG B 108 0.41 -11.06 -25.12
CA ARG B 108 1.81 -10.73 -25.51
C ARG B 108 2.63 -10.38 -24.27
N ARG B 109 3.90 -10.79 -24.27
CA ARG B 109 4.91 -10.44 -23.24
C ARG B 109 5.80 -9.33 -23.83
N MET B 110 5.85 -8.17 -23.18
CA MET B 110 6.61 -6.98 -23.66
C MET B 110 8.09 -7.19 -23.36
N ASP B 111 8.97 -6.38 -23.97
CA ASP B 111 10.44 -6.44 -23.76
C ASP B 111 10.84 -5.43 -22.68
N PHE B 112 9.87 -4.94 -21.89
CA PHE B 112 10.09 -4.05 -20.72
C PHE B 112 9.40 -4.67 -19.50
N GLY B 113 10.02 -4.52 -18.31
CA GLY B 113 9.58 -5.15 -17.06
C GLY B 113 10.48 -6.31 -16.65
N GLY B 114 11.77 -6.21 -16.94
CA GLY B 114 12.80 -7.16 -16.46
C GLY B 114 13.01 -7.01 -14.95
N CYS B 115 12.70 -8.05 -14.19
CA CYS B 115 13.02 -8.16 -12.73
C CYS B 115 12.89 -9.62 -12.28
N ARG B 116 13.58 -9.96 -11.18
CA ARG B 116 13.50 -11.29 -10.54
C ARG B 116 13.18 -11.10 -9.06
N LEU B 117 12.25 -11.90 -8.54
CA LEU B 117 12.09 -12.12 -7.08
C LEU B 117 13.09 -13.22 -6.69
N SER B 118 14.06 -12.86 -5.85
CA SER B 118 15.21 -13.72 -5.48
C SER B 118 15.42 -13.67 -3.97
N ILE B 119 15.74 -14.81 -3.37
CA ILE B 119 16.05 -14.92 -1.92
C ILE B 119 17.49 -14.44 -1.75
N ALA B 120 17.66 -13.45 -0.86
CA ALA B 120 18.94 -12.79 -0.54
C ALA B 120 19.18 -12.90 0.97
N ILE B 121 20.44 -13.03 1.35
CA ILE B 121 20.89 -13.32 2.74
C ILE B 121 22.00 -12.32 3.08
N GLU B 122 22.23 -12.09 4.38
CA GLU B 122 23.40 -11.34 4.90
C GLU B 122 24.65 -11.80 4.15
N LYS B 123 25.39 -10.86 3.54
CA LYS B 123 26.79 -11.10 3.08
C LYS B 123 27.59 -11.52 4.31
N ASP B 124 28.62 -12.34 4.13
CA ASP B 124 29.39 -12.98 5.24
C ASP B 124 28.49 -13.94 6.03
N ALA B 125 27.17 -13.98 5.76
CA ALA B 125 26.27 -15.08 6.17
C ALA B 125 26.60 -16.31 5.32
N GLU B 126 26.26 -17.52 5.79
CA GLU B 126 26.68 -18.79 5.14
C GLU B 126 25.46 -19.69 4.85
N TYR B 127 25.52 -20.38 3.71
CA TYR B 127 24.51 -21.36 3.21
C TYR B 127 24.91 -21.87 1.82
N ARG B 128 24.28 -22.98 1.41
CA ARG B 128 24.45 -23.59 0.06
C ARG B 128 23.13 -24.31 -0.30
N GLY B 129 22.08 -23.52 -0.56
CA GLY B 129 20.73 -24.00 -0.91
C GLY B 129 19.80 -23.99 0.29
N PRO B 130 18.55 -24.51 0.12
CA PRO B 130 17.53 -24.45 1.17
C PRO B 130 17.78 -25.50 2.26
N GLN B 131 16.89 -25.56 3.26
CA GLN B 131 17.01 -26.39 4.49
C GLN B 131 18.16 -25.82 5.34
N ASP B 132 18.88 -24.84 4.80
CA ASP B 132 19.61 -23.79 5.56
C ASP B 132 18.59 -22.70 5.92
N LEU B 133 17.47 -22.64 5.19
CA LEU B 133 16.35 -21.68 5.41
C LEU B 133 15.15 -22.42 6.01
N ASN B 134 15.37 -23.57 6.69
CA ASN B 134 14.26 -24.45 7.12
C ASN B 134 13.59 -23.89 8.38
N GLY B 135 14.25 -22.98 9.10
CA GLY B 135 13.71 -22.35 10.32
C GLY B 135 13.56 -20.84 10.20
N LYS B 136 14.30 -20.21 9.28
CA LYS B 136 14.51 -18.73 9.25
C LYS B 136 13.19 -18.01 8.96
N ARG B 137 13.09 -16.75 9.38
CA ARG B 137 12.01 -15.80 8.99
C ARG B 137 12.43 -15.12 7.69
N ILE B 138 11.56 -15.17 6.67
CA ILE B 138 11.81 -14.49 5.36
C ILE B 138 10.82 -13.33 5.23
N ALA B 139 11.33 -12.13 4.97
CA ALA B 139 10.53 -10.90 4.76
C ALA B 139 10.27 -10.71 3.27
N THR B 140 9.02 -10.44 2.89
CA THR B 140 8.57 -10.33 1.47
C THR B 140 7.33 -9.45 1.33
N THR B 141 7.22 -8.79 0.17
CA THR B 141 6.00 -8.11 -0.31
C THR B 141 5.20 -9.10 -1.17
N TYR B 142 5.82 -10.23 -1.54
CA TYR B 142 5.22 -11.28 -2.42
C TYR B 142 5.17 -12.61 -1.68
N PRO B 143 4.39 -12.68 -0.57
CA PRO B 143 4.43 -13.83 0.33
C PRO B 143 3.91 -15.10 -0.34
N GLN B 144 2.89 -14.96 -1.18
CA GLN B 144 2.26 -16.09 -1.90
C GLN B 144 3.30 -16.72 -2.83
N LEU B 145 4.02 -15.90 -3.61
CA LEU B 145 5.07 -16.38 -4.55
C LEU B 145 6.17 -17.09 -3.75
N LEU B 146 6.62 -16.51 -2.64
CA LEU B 146 7.63 -17.13 -1.75
C LEU B 146 7.10 -18.48 -1.24
N LYS B 147 5.83 -18.52 -0.81
CA LYS B 147 5.16 -19.73 -0.25
C LYS B 147 5.18 -20.85 -1.29
N ALA B 148 4.70 -20.55 -2.51
CA ALA B 148 4.70 -21.46 -3.68
C ALA B 148 6.05 -22.19 -3.75
N TYR B 149 7.15 -21.44 -3.92
CA TYR B 149 8.52 -21.98 -4.10
C TYR B 149 8.92 -22.81 -2.87
N MET B 150 8.70 -22.28 -1.67
CA MET B 150 9.11 -22.95 -0.40
C MET B 150 8.39 -24.30 -0.31
N ASP B 151 7.05 -24.29 -0.40
CA ASP B 151 6.18 -25.49 -0.31
C ASP B 151 6.69 -26.56 -1.29
N ARG B 152 6.96 -26.17 -2.54
CA ARG B 152 7.41 -27.10 -3.61
C ARG B 152 8.76 -27.68 -3.20
N GLN B 153 9.60 -26.88 -2.51
CA GLN B 153 10.94 -27.31 -2.01
C GLN B 153 10.82 -28.11 -0.71
N GLY B 154 9.64 -28.15 -0.09
CA GLY B 154 9.36 -28.90 1.15
C GLY B 154 10.07 -28.30 2.35
N VAL B 155 10.57 -27.07 2.23
CA VAL B 155 11.23 -26.29 3.32
C VAL B 155 10.14 -25.57 4.10
N ASP B 156 10.32 -25.44 5.42
CA ASP B 156 9.34 -24.79 6.31
C ASP B 156 9.92 -23.43 6.72
N PHE B 157 9.05 -22.47 7.01
CA PHE B 157 9.38 -21.02 7.06
C PHE B 157 8.21 -20.22 7.64
N SER B 158 8.53 -19.05 8.18
CA SER B 158 7.58 -18.01 8.63
C SER B 158 7.87 -16.72 7.83
N THR B 159 6.83 -16.13 7.26
CA THR B 159 6.92 -14.91 6.42
C THR B 159 6.69 -13.65 7.26
N CYS B 160 7.55 -12.65 7.05
CA CYS B 160 7.42 -11.28 7.60
C CYS B 160 6.91 -10.36 6.49
N MET B 161 5.61 -10.01 6.53
CA MET B 161 4.95 -9.16 5.51
C MET B 161 5.44 -7.71 5.67
N LEU B 162 6.20 -7.21 4.69
CA LEU B 162 6.64 -5.80 4.58
C LEU B 162 6.36 -5.31 3.17
N THR B 163 5.64 -4.18 3.04
CA THR B 163 5.22 -3.59 1.74
C THR B 163 6.25 -2.55 1.28
N GLY B 164 7.30 -2.29 2.07
CA GLY B 164 8.34 -1.30 1.76
C GLY B 164 9.58 -1.48 2.62
N SER B 165 10.76 -1.14 2.07
CA SER B 165 12.08 -1.24 2.73
C SER B 165 12.30 -2.67 3.25
N VAL B 166 12.08 -3.67 2.40
CA VAL B 166 12.19 -5.13 2.74
C VAL B 166 13.65 -5.48 3.02
N GLU B 167 14.61 -4.83 2.34
CA GLU B 167 16.06 -5.14 2.44
C GLU B 167 16.59 -4.78 3.82
N VAL B 168 15.94 -3.83 4.52
CA VAL B 168 16.37 -3.28 5.84
C VAL B 168 15.97 -4.25 6.95
N ALA B 169 15.19 -5.30 6.62
CA ALA B 169 14.60 -6.24 7.61
C ALA B 169 15.69 -6.97 8.37
N PRO B 170 16.64 -7.68 7.69
CA PRO B 170 17.75 -8.32 8.40
C PRO B 170 18.46 -7.34 9.34
N ARG B 171 19.01 -6.23 8.81
CA ARG B 171 19.69 -5.19 9.61
C ARG B 171 18.87 -4.95 10.88
N ALA B 172 17.60 -4.57 10.70
CA ALA B 172 16.61 -4.31 11.78
C ALA B 172 16.54 -5.50 12.73
N GLY B 173 16.80 -6.72 12.24
CA GLY B 173 16.58 -7.97 12.98
C GLY B 173 15.10 -8.33 12.95
N LEU B 174 14.38 -7.80 11.96
CA LEU B 174 12.93 -8.00 11.73
C LEU B 174 12.68 -9.43 11.24
N ALA B 175 13.57 -9.93 10.37
CA ALA B 175 13.51 -11.29 9.77
C ALA B 175 14.93 -11.76 9.46
N ASP B 176 15.13 -13.08 9.30
CA ASP B 176 16.45 -13.71 9.01
C ASP B 176 16.85 -13.48 7.55
N ALA B 177 15.89 -13.45 6.64
CA ALA B 177 16.12 -13.33 5.19
C ALA B 177 14.96 -12.59 4.53
N ILE B 178 15.16 -12.22 3.26
CA ILE B 178 14.14 -11.56 2.39
C ILE B 178 14.07 -12.31 1.07
N ALA B 179 12.91 -12.26 0.42
CA ALA B 179 12.82 -12.33 -1.06
C ALA B 179 12.47 -10.92 -1.54
N ASP B 180 13.39 -10.28 -2.28
CA ASP B 180 13.26 -8.88 -2.74
C ASP B 180 13.20 -8.87 -4.27
N LEU B 181 12.35 -8.03 -4.85
CA LEU B 181 12.32 -7.76 -6.32
C LEU B 181 13.60 -7.02 -6.69
N VAL B 182 14.42 -7.58 -7.57
CA VAL B 182 15.69 -6.94 -8.01
C VAL B 182 15.80 -7.01 -9.54
N SER B 183 16.37 -5.94 -10.14
CA SER B 183 16.77 -5.87 -11.56
C SER B 183 18.27 -6.15 -11.67
N THR B 184 19.08 -5.49 -10.83
CA THR B 184 20.54 -5.73 -10.67
C THR B 184 20.94 -5.58 -9.20
N GLY B 185 22.05 -6.22 -8.81
CA GLY B 185 22.46 -6.39 -7.41
C GLY B 185 22.73 -5.09 -6.67
N ALA B 186 22.78 -3.96 -7.40
CA ALA B 186 23.06 -2.61 -6.87
C ALA B 186 22.30 -2.39 -5.55
N THR B 187 21.00 -2.69 -5.53
CA THR B 187 20.10 -2.53 -4.34
C THR B 187 20.61 -3.42 -3.22
N LEU B 188 20.84 -4.70 -3.53
CA LEU B 188 21.24 -5.76 -2.57
C LEU B 188 22.61 -5.38 -1.97
N GLU B 189 23.60 -5.16 -2.84
CA GLU B 189 24.97 -4.72 -2.45
C GLU B 189 24.87 -3.47 -1.59
N ALA B 190 23.95 -2.56 -1.92
CA ALA B 190 23.65 -1.32 -1.16
C ALA B 190 23.14 -1.68 0.24
N ASN B 191 22.42 -2.80 0.38
CA ASN B 191 21.80 -3.23 1.66
C ASN B 191 22.66 -4.27 2.39
N GLY B 192 23.86 -4.56 1.88
CA GLY B 192 24.79 -5.54 2.47
C GLY B 192 24.19 -6.94 2.52
N LEU B 193 23.70 -7.42 1.36
CA LEU B 193 23.12 -8.78 1.19
C LEU B 193 23.66 -9.42 -0.08
N LYS B 194 23.59 -10.75 -0.18
CA LYS B 194 23.89 -11.54 -1.40
C LYS B 194 22.60 -12.19 -1.88
N GLU B 195 22.46 -12.34 -3.20
CA GLU B 195 21.36 -13.11 -3.86
C GLU B 195 21.73 -14.60 -3.83
N VAL B 196 20.81 -15.46 -3.39
CA VAL B 196 21.07 -16.91 -3.10
C VAL B 196 20.25 -17.80 -4.05
N GLU B 197 19.02 -17.39 -4.40
CA GLU B 197 18.16 -18.13 -5.36
C GLU B 197 17.29 -17.13 -6.14
N VAL B 198 16.97 -17.46 -7.40
CA VAL B 198 16.00 -16.72 -8.26
C VAL B 198 14.73 -17.57 -8.32
N ILE B 199 13.71 -17.21 -7.55
CA ILE B 199 12.50 -18.04 -7.29
C ILE B 199 11.37 -17.63 -8.26
N PHE B 200 11.54 -16.56 -9.02
CA PHE B 200 10.60 -16.11 -10.07
C PHE B 200 11.32 -15.14 -11.03
N GLU B 201 11.06 -15.31 -12.33
CA GLU B 201 11.54 -14.43 -13.42
C GLU B 201 10.33 -13.67 -13.98
N SER B 202 10.25 -12.36 -13.77
CA SER B 202 9.09 -11.54 -14.21
C SER B 202 9.47 -10.70 -15.43
N LYS B 203 8.55 -10.64 -16.40
CA LYS B 203 8.52 -9.63 -17.49
C LYS B 203 7.11 -9.03 -17.51
N ALA B 204 6.96 -7.81 -18.01
CA ALA B 204 5.63 -7.15 -18.15
C ALA B 204 4.91 -7.82 -19.33
N THR B 205 3.67 -8.24 -19.11
CA THR B 205 2.83 -8.95 -20.10
C THR B 205 1.49 -8.22 -20.26
N LEU B 206 0.94 -8.25 -21.47
CA LEU B 206 -0.39 -7.68 -21.81
C LEU B 206 -1.43 -8.80 -21.82
N ILE B 207 -2.34 -8.81 -20.85
CA ILE B 207 -3.34 -9.90 -20.67
C ILE B 207 -4.73 -9.37 -21.05
N GLN B 208 -5.70 -10.27 -21.10
CA GLN B 208 -7.08 -10.02 -21.57
C GLN B 208 -8.04 -10.64 -20.56
N ARG B 209 -9.23 -10.07 -20.39
CA ARG B 209 -10.20 -10.54 -19.37
C ARG B 209 -10.92 -11.77 -19.91
N PRO B 210 -10.69 -12.96 -19.31
CA PRO B 210 -11.57 -14.10 -19.60
C PRO B 210 -12.97 -13.68 -19.15
N GLY B 211 -13.84 -13.39 -20.12
CA GLY B 211 -15.27 -13.08 -19.88
C GLY B 211 -15.54 -11.59 -19.69
N ALA B 212 -14.62 -10.71 -20.12
CA ALA B 212 -14.88 -9.26 -20.31
C ALA B 212 -14.84 -8.89 -21.80
N PHE B 213 -14.17 -9.70 -22.64
CA PHE B 213 -14.12 -9.61 -24.13
C PHE B 213 -13.18 -8.47 -24.57
N ALA B 215 -17.22 -8.57 -28.98
CA ALA B 215 -18.18 -8.11 -30.01
C ALA B 215 -17.47 -7.26 -31.08
N ASP B 216 -16.48 -7.84 -31.76
CA ASP B 216 -15.74 -7.19 -32.89
C ASP B 216 -14.83 -6.07 -32.36
N LYS B 217 -14.80 -5.84 -31.04
CA LYS B 217 -13.70 -5.14 -30.34
C LYS B 217 -12.42 -5.98 -30.42
N ALA B 218 -12.57 -7.32 -30.52
CA ALA B 218 -11.51 -8.29 -30.87
C ALA B 218 -10.79 -7.84 -32.15
N ALA B 219 -11.55 -7.28 -33.11
CA ALA B 219 -10.99 -6.62 -34.32
C ALA B 219 -9.98 -5.55 -33.87
N LEU B 220 -10.41 -4.63 -32.99
CA LEU B 220 -9.57 -3.56 -32.39
C LEU B 220 -8.33 -4.19 -31.75
N ILE B 221 -8.50 -5.29 -31.03
CA ILE B 221 -7.41 -5.97 -30.26
C ILE B 221 -6.33 -6.48 -31.23
N ASP B 222 -6.74 -7.15 -32.32
CA ASP B 222 -5.82 -7.63 -33.39
C ASP B 222 -5.07 -6.43 -33.98
N LYS B 223 -5.77 -5.33 -34.24
CA LYS B 223 -5.20 -4.06 -34.78
C LYS B 223 -4.08 -3.58 -33.85
N LEU B 224 -4.36 -3.53 -32.54
CA LEU B 224 -3.39 -3.11 -31.48
C LEU B 224 -2.15 -4.01 -31.53
N LEU B 225 -2.33 -5.33 -31.45
CA LEU B 225 -1.23 -6.34 -31.33
C LEU B 225 -0.28 -6.20 -32.53
N THR B 226 -0.80 -6.03 -33.74
CA THR B 226 -0.03 -5.95 -35.01
C THR B 226 0.88 -4.70 -34.99
N ARG B 227 0.31 -3.56 -34.55
CA ARG B 227 1.00 -2.24 -34.50
C ARG B 227 2.13 -2.30 -33.47
N MET B 228 1.92 -2.98 -32.33
CA MET B 228 2.93 -3.16 -31.26
C MET B 228 4.25 -3.66 -31.86
N HIS B 229 4.18 -4.71 -32.69
CA HIS B 229 5.37 -5.35 -33.31
C HIS B 229 6.09 -4.37 -34.23
N GLY B 230 5.34 -3.77 -35.17
CA GLY B 230 5.85 -2.76 -36.12
C GLY B 230 6.62 -1.66 -35.41
N VAL B 231 6.04 -1.13 -34.32
CA VAL B 231 6.69 -0.06 -33.49
C VAL B 231 7.94 -0.67 -32.83
N GLN B 232 7.86 -1.92 -32.36
CA GLN B 232 9.03 -2.64 -31.78
C GLN B 232 10.17 -2.68 -32.81
N GLN B 233 9.85 -3.04 -34.07
CA GLN B 233 10.82 -3.14 -35.19
C GLN B 233 11.54 -1.79 -35.38
N ALA B 234 10.78 -0.71 -35.58
CA ALA B 234 11.29 0.66 -35.85
C ALA B 234 12.21 1.11 -34.70
N LYS B 235 11.79 0.84 -33.45
CA LYS B 235 12.56 1.14 -32.22
C LYS B 235 13.91 0.42 -32.30
N GLU B 236 13.88 -0.89 -32.55
CA GLU B 236 15.08 -1.76 -32.62
C GLU B 236 15.96 -1.38 -33.82
N SER B 237 15.34 -1.20 -35.01
CA SER B 237 16.02 -1.12 -36.33
C SER B 237 16.52 0.31 -36.62
N LYS B 238 17.61 0.39 -37.42
CA LYS B 238 18.26 1.64 -37.87
C LYS B 238 18.66 1.52 -39.34
N TYR B 239 18.54 2.62 -40.11
CA TYR B 239 18.98 2.72 -41.52
C TYR B 239 20.49 2.99 -41.52
N ILE B 240 21.27 2.15 -42.21
CA ILE B 240 22.75 2.31 -42.32
C ILE B 240 23.08 2.69 -43.76
N MET B 241 24.07 3.57 -43.92
CA MET B 241 24.70 3.89 -45.23
C MET B 241 26.21 3.88 -44.99
N LEU B 242 26.98 3.31 -45.91
CA LEU B 242 28.44 3.09 -45.76
C LEU B 242 29.09 2.86 -47.12
N HIS B 243 30.21 3.53 -47.38
CA HIS B 243 31.14 3.26 -48.50
C HIS B 243 31.92 1.96 -48.22
N LEU B 249 34.68 -9.60 -49.41
CA LEU B 249 33.68 -8.48 -49.49
C LEU B 249 32.40 -8.89 -48.75
N ALA B 250 31.83 -10.05 -49.09
CA ALA B 250 30.48 -10.51 -48.70
C ALA B 250 30.38 -10.70 -47.17
N GLN B 251 31.52 -10.98 -46.51
CA GLN B 251 31.58 -11.13 -45.02
C GLN B 251 31.01 -9.85 -44.39
N ILE B 252 31.40 -8.68 -44.92
CA ILE B 252 30.87 -7.35 -44.51
C ILE B 252 29.38 -7.30 -44.91
N LYS B 253 29.03 -7.80 -46.09
CA LYS B 253 27.62 -7.96 -46.55
C LYS B 253 26.85 -8.85 -45.57
N THR B 254 27.49 -9.90 -45.05
CA THR B 254 26.93 -10.87 -44.08
C THR B 254 27.04 -10.33 -42.64
N LEU B 255 27.56 -9.11 -42.46
CA LEU B 255 27.63 -8.42 -41.14
C LEU B 255 26.25 -7.87 -40.76
N LEU B 256 25.27 -7.94 -41.68
CA LEU B 256 23.83 -7.58 -41.51
C LEU B 256 23.61 -6.14 -41.99
N PRO B 257 24.67 -5.37 -42.29
CA PRO B 257 24.49 -3.99 -42.76
C PRO B 257 23.74 -3.97 -44.11
N GLY B 258 22.89 -2.96 -44.34
CA GLY B 258 21.99 -2.90 -45.50
C GLY B 258 21.88 -1.51 -46.09
N ALA B 259 22.90 -1.09 -46.85
CA ALA B 259 22.87 0.14 -47.68
C ALA B 259 21.99 -0.12 -48.91
N GLU B 260 22.40 -1.08 -49.76
CA GLU B 260 21.60 -1.62 -50.89
C GLU B 260 21.54 -3.14 -50.76
N ASP B 261 20.56 -3.66 -50.01
CA ASP B 261 20.36 -5.11 -49.73
C ASP B 261 19.45 -5.70 -50.79
N PRO B 262 19.51 -7.05 -50.99
CA PRO B 262 18.79 -7.71 -52.07
C PRO B 262 17.26 -7.68 -51.96
N VAL B 264 14.72 -5.81 -53.14
CA VAL B 264 14.58 -5.82 -54.62
C VAL B 264 13.42 -6.75 -55.00
N LEU B 265 13.57 -8.06 -54.75
CA LEU B 265 12.54 -9.10 -55.02
C LEU B 265 12.82 -10.35 -54.16
N VAL B 279 19.15 -1.68 -43.79
CA VAL B 279 18.36 -1.57 -42.54
C VAL B 279 18.67 -2.77 -41.64
N SER B 280 19.10 -2.50 -40.39
CA SER B 280 19.50 -3.52 -39.40
C SER B 280 18.49 -3.58 -38.26
N SER B 281 18.26 -4.78 -37.71
CA SER B 281 17.39 -5.07 -36.54
C SER B 281 17.89 -4.31 -35.32
N GLU B 282 19.20 -4.36 -35.06
CA GLU B 282 19.87 -3.65 -33.95
C GLU B 282 21.07 -2.89 -34.52
N ASN B 283 22.23 -3.57 -34.64
CA ASN B 283 23.50 -3.03 -35.19
C ASN B 283 23.85 -1.72 -34.46
N LEU B 284 23.62 -1.67 -33.14
CA LEU B 284 23.81 -0.46 -32.30
C LEU B 284 24.94 -0.72 -31.30
N PHE B 285 26.18 -0.73 -31.79
CA PHE B 285 27.41 -0.89 -30.97
C PHE B 285 28.65 -0.37 -31.72
N TRP B 286 29.47 0.41 -31.01
CA TRP B 286 30.80 0.87 -31.49
C TRP B 286 31.59 -0.34 -32.00
N GLU B 287 31.57 -1.44 -31.24
CA GLU B 287 32.35 -2.67 -31.52
C GLU B 287 32.15 -3.08 -32.98
N THR B 288 30.89 -3.31 -33.41
CA THR B 288 30.57 -3.72 -34.81
C THR B 288 30.90 -2.56 -35.75
N MET B 289 30.73 -1.30 -35.31
CA MET B 289 31.17 -0.11 -36.08
C MET B 289 32.68 -0.22 -36.33
N GLU B 290 33.44 -0.40 -35.24
CA GLU B 290 34.91 -0.64 -35.24
C GLU B 290 35.20 -1.90 -36.06
N GLN B 291 34.48 -2.99 -35.79
CA GLN B 291 34.60 -4.27 -36.55
C GLN B 291 34.42 -3.98 -38.04
N LEU B 292 33.43 -3.16 -38.40
CA LEU B 292 33.22 -2.69 -39.79
C LEU B 292 34.46 -1.92 -40.25
N LYS B 293 34.95 -0.99 -39.42
CA LYS B 293 36.17 -0.18 -39.69
C LYS B 293 37.36 -1.12 -39.95
N ALA B 294 37.49 -2.19 -39.17
CA ALA B 294 38.53 -3.22 -39.30
C ALA B 294 38.43 -3.89 -40.68
N LEU B 295 37.20 -4.10 -41.17
CA LEU B 295 36.90 -4.73 -42.49
C LEU B 295 37.14 -3.71 -43.62
N GLY B 296 37.44 -2.45 -43.28
CA GLY B 296 37.77 -1.37 -44.21
C GLY B 296 36.57 -0.47 -44.52
N ALA B 297 35.55 -0.48 -43.65
CA ALA B 297 34.27 0.24 -43.89
C ALA B 297 34.51 1.75 -43.77
N SER B 298 34.00 2.51 -44.74
CA SER B 298 34.15 3.99 -44.84
C SER B 298 32.76 4.64 -44.87
N SER B 299 32.63 5.82 -44.25
CA SER B 299 31.39 6.64 -44.22
C SER B 299 30.24 5.88 -43.55
N ILE B 300 30.49 5.30 -42.37
CA ILE B 300 29.47 4.57 -41.56
C ILE B 300 28.47 5.60 -41.02
N LEU B 301 27.27 5.66 -41.60
CA LEU B 301 26.19 6.60 -41.18
C LEU B 301 24.97 5.80 -40.72
N VAL B 302 24.56 5.99 -39.46
CA VAL B 302 23.36 5.35 -38.84
C VAL B 302 22.30 6.44 -38.64
N LEU B 303 21.11 6.27 -39.22
CA LEU B 303 19.96 7.22 -39.11
C LEU B 303 18.81 6.53 -38.38
N PRO B 304 17.97 7.26 -37.61
CA PRO B 304 16.81 6.65 -36.97
C PRO B 304 15.67 6.41 -37.97
N ILE B 305 15.03 5.23 -37.88
CA ILE B 305 13.74 4.91 -38.57
C ILE B 305 12.58 5.27 -37.63
N GLU B 306 11.78 6.27 -37.99
CA GLU B 306 10.57 6.69 -37.23
C GLU B 306 9.63 5.48 -37.10
N LYS B 307 9.31 4.82 -38.23
CA LYS B 307 8.27 3.78 -38.33
C LYS B 307 8.46 3.00 -39.65
N MET B 308 8.06 1.73 -39.67
CA MET B 308 8.32 0.81 -40.81
C MET B 308 7.37 -0.39 -40.77
N MET B 309 7.36 -1.16 -41.86
CA MET B 309 6.64 -2.46 -42.01
C MET B 309 7.41 -3.37 -42.97
#